data_6COF
#
_entry.id   6COF
#
_cell.length_a   49.844
_cell.length_b   87.090
_cell.length_c   123.119
_cell.angle_alpha   90.000
_cell.angle_beta   90.000
_cell.angle_gamma   90.000
#
_symmetry.space_group_name_H-M   'P 21 21 21'
#
loop_
_entity.id
_entity.type
_entity.pdbx_description
1 polymer 'Alpha-hydroxynitrile lyase'
2 non-polymer GLYCEROL
3 non-polymer 'CHLORIDE ION'
4 water water
#
_entity_poly.entity_id   1
_entity_poly.type   'polypeptide(L)'
_entity_poly.pdbx_seq_one_letter_code
;MERKHHFVLVHNACHGAWIWYKLKPLLESAGHRVTAVELAASGIDPRPIQAVETVDEYSKPLIETLKSLPENEEVILVGF
SFGGINIALAADIFPAKIKVLVFLNAFLPDTTHVPSHVLDKLMEMFGGWGDTEFSSHETRNGTMSLLKMGPKFMKARLYQ
NCPIEDYELAKMLHRQGSFFTEDLSKKEKFSEEGYGSVQRVYVMSSEDKIIPCDFIRWMIDNFNVSKVYEIDGGDHMVML
SKPQKLFDSLSAIATDYMGL
;
_entity_poly.pdbx_strand_id   A,B
#
loop_
_chem_comp.id
_chem_comp.type
_chem_comp.name
_chem_comp.formula
CL non-polymer 'CHLORIDE ION' 'Cl -1'
GOL non-polymer GLYCEROL 'C3 H8 O3'
#
# COMPACT_ATOMS: atom_id res chain seq x y z
N MET A 1 -6.54 4.57 -35.87
CA MET A 1 -5.85 4.14 -34.61
C MET A 1 -5.91 2.59 -34.47
N GLU A 2 -4.70 2.00 -34.34
CA GLU A 2 -4.46 0.58 -34.00
C GLU A 2 -5.16 0.09 -32.68
N ARG A 3 -5.40 -1.23 -32.59
CA ARG A 3 -6.40 -1.74 -31.64
C ARG A 3 -5.72 -1.78 -30.26
N LYS A 4 -6.50 -1.46 -29.25
CA LYS A 4 -5.87 -1.50 -27.86
C LYS A 4 -6.26 -2.83 -27.24
N HIS A 5 -5.69 -3.10 -26.04
CA HIS A 5 -5.88 -4.43 -25.43
C HIS A 5 -6.19 -4.21 -23.92
N HIS A 6 -6.68 -5.33 -23.36
CA HIS A 6 -6.96 -5.35 -21.94
C HIS A 6 -5.80 -6.14 -21.30
N PHE A 7 -5.01 -5.55 -20.42
CA PHE A 7 -3.91 -6.24 -19.73
C PHE A 7 -4.40 -6.56 -18.29
N VAL A 8 -4.19 -7.76 -17.89
CA VAL A 8 -4.58 -8.24 -16.56
C VAL A 8 -3.19 -8.41 -15.99
N LEU A 9 -2.95 -7.75 -14.84
CA LEU A 9 -1.65 -7.70 -14.21
C LEU A 9 -1.72 -8.47 -12.84
N VAL A 10 -0.78 -9.41 -12.66
CA VAL A 10 -0.80 -10.29 -11.50
C VAL A 10 0.55 -10.17 -10.76
N HIS A 11 0.46 -9.74 -9.49
CA HIS A 11 1.63 -9.45 -8.63
C HIS A 11 2.27 -10.76 -8.07
N ASN A 12 3.47 -10.51 -7.49
CA ASN A 12 4.25 -11.54 -6.87
C ASN A 12 3.85 -11.84 -5.44
N ALA A 13 4.37 -12.90 -4.86
CA ALA A 13 4.17 -13.24 -3.46
C ALA A 13 4.71 -12.14 -2.60
N CYS A 14 3.95 -12.01 -1.51
CA CYS A 14 4.34 -11.10 -0.40
C CYS A 14 4.08 -9.57 -0.76
N HIS A 15 3.48 -9.30 -1.95
CA HIS A 15 3.15 -8.00 -2.44
C HIS A 15 1.68 -7.98 -2.82
N GLY A 16 1.29 -7.01 -3.62
CA GLY A 16 -0.12 -6.89 -3.94
C GLY A 16 -0.26 -5.99 -5.19
N ALA A 17 -1.52 -5.63 -5.45
CA ALA A 17 -1.80 -4.89 -6.67
C ALA A 17 -1.04 -3.58 -6.79
N TRP A 18 -0.77 -2.95 -5.63
CA TRP A 18 -0.03 -1.69 -5.55
C TRP A 18 1.25 -1.64 -6.35
N ILE A 19 1.97 -2.77 -6.56
CA ILE A 19 3.25 -2.74 -7.26
C ILE A 19 3.05 -2.09 -8.64
N TRP A 20 1.82 -2.20 -9.20
CA TRP A 20 1.58 -1.77 -10.58
C TRP A 20 1.25 -0.27 -10.65
N TYR A 21 1.42 0.53 -9.60
CA TYR A 21 0.94 1.89 -9.56
C TYR A 21 1.54 2.78 -10.64
N LYS A 22 2.80 2.51 -11.03
CA LYS A 22 3.44 3.28 -12.15
C LYS A 22 3.02 2.74 -13.44
N LEU A 23 3.00 1.47 -13.63
CA LEU A 23 2.74 0.90 -14.95
C LEU A 23 1.33 1.10 -15.41
N LYS A 24 0.38 0.93 -14.55
CA LYS A 24 -1.02 1.09 -14.87
C LYS A 24 -1.34 2.40 -15.61
N PRO A 25 -1.03 3.54 -15.12
CA PRO A 25 -1.34 4.81 -15.85
C PRO A 25 -0.57 4.89 -17.16
N LEU A 26 0.62 4.32 -17.26
CA LEU A 26 1.37 4.33 -18.60
C LEU A 26 0.54 3.54 -19.54
N LEU A 27 0.04 2.39 -19.20
CA LEU A 27 -0.73 1.57 -20.13
C LEU A 27 -2.10 2.20 -20.46
N GLU A 28 -2.68 2.88 -19.51
CA GLU A 28 -4.09 3.46 -19.71
C GLU A 28 -3.97 4.71 -20.59
N SER A 29 -2.89 5.45 -20.44
CA SER A 29 -2.66 6.73 -21.26
C SER A 29 -2.42 6.38 -22.68
N ALA A 30 -2.13 5.13 -23.01
CA ALA A 30 -1.95 4.68 -24.38
C ALA A 30 -3.18 4.03 -24.87
N GLY A 31 -4.25 4.06 -24.09
CA GLY A 31 -5.52 3.57 -24.60
C GLY A 31 -5.92 2.16 -24.26
N HIS A 32 -5.05 1.49 -23.45
CA HIS A 32 -5.34 0.13 -23.01
C HIS A 32 -6.07 0.11 -21.71
N ARG A 33 -6.78 -0.95 -21.51
CA ARG A 33 -7.52 -1.23 -20.26
C ARG A 33 -6.48 -2.06 -19.40
N VAL A 34 -6.54 -1.81 -18.08
CA VAL A 34 -5.72 -2.57 -17.14
C VAL A 34 -6.57 -2.96 -15.95
N THR A 35 -6.45 -4.24 -15.59
CA THR A 35 -6.97 -4.73 -14.32
C THR A 35 -5.80 -5.27 -13.53
N ALA A 36 -5.55 -4.65 -12.37
CA ALA A 36 -4.47 -5.09 -11.45
C ALA A 36 -5.15 -5.90 -10.35
N VAL A 37 -5.01 -7.22 -10.41
CA VAL A 37 -5.66 -8.14 -9.51
C VAL A 37 -5.03 -8.13 -8.11
N GLU A 38 -5.75 -8.23 -7.04
CA GLU A 38 -5.22 -8.48 -5.71
C GLU A 38 -5.51 -9.88 -5.33
N LEU A 39 -4.44 -10.67 -5.18
CA LEU A 39 -4.68 -12.07 -4.84
C LEU A 39 -5.08 -12.26 -3.40
N ALA A 40 -5.44 -13.47 -3.00
CA ALA A 40 -5.94 -13.65 -1.63
C ALA A 40 -4.73 -13.35 -0.67
N ALA A 41 -5.10 -12.80 0.53
CA ALA A 41 -4.12 -12.56 1.56
C ALA A 41 -3.00 -11.75 1.18
N SER A 42 -3.18 -10.85 0.17
CA SER A 42 -2.23 -9.98 -0.47
C SER A 42 -2.64 -8.54 -0.42
N GLY A 43 -1.65 -7.68 -0.27
CA GLY A 43 -2.00 -6.24 -0.26
C GLY A 43 -2.96 -5.90 0.86
N ILE A 44 -4.09 -5.30 0.49
CA ILE A 44 -5.13 -5.00 1.52
C ILE A 44 -6.20 -6.18 1.57
N ASP A 45 -6.04 -7.26 0.84
CA ASP A 45 -7.02 -8.37 1.01
C ASP A 45 -7.05 -8.59 2.50
N PRO A 46 -8.37 -8.90 2.86
CA PRO A 46 -8.57 -9.06 4.34
C PRO A 46 -8.19 -10.33 5.04
N ARG A 47 -7.85 -11.35 4.23
N ARG A 47 -8.06 -11.43 4.23
CA ARG A 47 -7.38 -12.60 4.87
CA ARG A 47 -7.60 -12.78 4.71
C ARG A 47 -5.80 -12.59 5.37
C ARG A 47 -6.04 -12.69 5.18
N PRO A 48 -5.45 -13.33 6.38
CA PRO A 48 -4.09 -13.70 6.61
C PRO A 48 -3.66 -14.89 5.69
N ILE A 49 -2.40 -15.02 5.40
CA ILE A 49 -1.93 -16.05 4.45
C ILE A 49 -2.30 -17.40 5.06
N GLN A 50 -2.32 -17.46 6.41
CA GLN A 50 -2.63 -18.77 7.06
C GLN A 50 -3.98 -19.27 6.71
N ALA A 51 -4.92 -18.42 6.42
CA ALA A 51 -6.28 -18.76 6.14
C ALA A 51 -6.37 -19.30 4.66
N VAL A 52 -5.36 -19.13 3.83
CA VAL A 52 -5.50 -19.42 2.39
C VAL A 52 -4.55 -20.63 2.20
N GLU A 53 -5.06 -21.72 2.20
CA GLU A 53 -4.12 -22.85 2.38
C GLU A 53 -3.61 -23.48 1.04
N THR A 54 -4.24 -23.12 -0.06
CA THR A 54 -4.01 -23.74 -1.31
C THR A 54 -3.80 -22.67 -2.34
N VAL A 55 -3.00 -23.03 -3.33
CA VAL A 55 -2.73 -22.15 -4.44
C VAL A 55 -3.97 -21.81 -5.24
N ASP A 56 -4.95 -22.73 -5.35
CA ASP A 56 -6.21 -22.42 -5.94
C ASP A 56 -6.96 -21.31 -5.18
N GLU A 57 -6.98 -21.36 -3.89
CA GLU A 57 -7.61 -20.29 -3.09
CA GLU A 57 -7.61 -20.32 -3.06
C GLU A 57 -6.87 -18.97 -3.24
N TYR A 58 -5.54 -19.04 -3.26
CA TYR A 58 -4.72 -17.84 -3.47
C TYR A 58 -5.05 -17.14 -4.77
N SER A 59 -5.21 -17.95 -5.79
CA SER A 59 -5.42 -17.48 -7.19
C SER A 59 -6.91 -17.13 -7.49
N LYS A 60 -7.83 -17.34 -6.57
CA LYS A 60 -9.24 -17.15 -6.82
C LYS A 60 -9.54 -15.81 -7.40
N PRO A 61 -9.03 -14.69 -6.90
CA PRO A 61 -9.35 -13.41 -7.45
C PRO A 61 -9.02 -13.25 -8.94
N LEU A 62 -7.95 -13.91 -9.36
CA LEU A 62 -7.61 -13.93 -10.77
C LEU A 62 -8.60 -14.76 -11.58
N ILE A 63 -8.96 -15.92 -11.06
CA ILE A 63 -9.98 -16.73 -11.78
C ILE A 63 -11.28 -15.95 -11.88
N GLU A 64 -11.72 -15.27 -10.83
CA GLU A 64 -12.93 -14.51 -10.83
C GLU A 64 -12.84 -13.33 -11.87
N THR A 65 -11.74 -12.66 -11.98
CA THR A 65 -11.50 -11.57 -12.91
C THR A 65 -11.75 -12.13 -14.33
N LEU A 66 -11.18 -13.25 -14.61
CA LEU A 66 -11.31 -13.88 -15.95
C LEU A 66 -12.72 -14.31 -16.17
N LYS A 67 -13.34 -14.92 -15.21
CA LYS A 67 -14.76 -15.33 -15.35
C LYS A 67 -15.66 -14.22 -15.62
N SER A 68 -15.41 -13.07 -15.09
CA SER A 68 -16.31 -11.96 -15.20
C SER A 68 -16.12 -11.21 -16.57
N LEU A 69 -15.21 -11.60 -17.45
CA LEU A 69 -14.99 -10.89 -18.72
C LEU A 69 -16.21 -11.20 -19.61
N PRO A 70 -16.67 -10.20 -20.37
CA PRO A 70 -17.70 -10.56 -21.36
C PRO A 70 -17.31 -11.66 -22.27
N GLU A 71 -18.31 -12.25 -22.92
CA GLU A 71 -18.13 -13.39 -23.82
C GLU A 71 -17.17 -12.91 -24.97
N ASN A 72 -16.20 -13.75 -25.25
CA ASN A 72 -15.24 -13.58 -26.30
C ASN A 72 -14.20 -12.59 -26.14
N GLU A 73 -14.17 -11.92 -24.92
CA GLU A 73 -13.06 -11.07 -24.70
C GLU A 73 -11.83 -11.84 -24.27
N GLU A 74 -10.71 -11.45 -24.81
CA GLU A 74 -9.37 -12.02 -24.55
C GLU A 74 -8.39 -10.94 -24.02
N VAL A 75 -7.55 -11.32 -23.08
CA VAL A 75 -6.63 -10.39 -22.41
C VAL A 75 -5.17 -10.78 -22.61
N ILE A 76 -4.31 -9.81 -22.36
CA ILE A 76 -2.88 -10.11 -22.26
C ILE A 76 -2.65 -10.29 -20.74
N LEU A 77 -2.21 -11.45 -20.33
CA LEU A 77 -2.18 -11.80 -18.87
C LEU A 77 -0.76 -11.85 -18.45
N VAL A 78 -0.43 -10.91 -17.57
CA VAL A 78 0.97 -10.69 -17.18
C VAL A 78 1.18 -11.26 -15.77
N GLY A 79 2.09 -12.16 -15.62
CA GLY A 79 2.37 -12.69 -14.25
C GLY A 79 3.76 -12.42 -13.85
N PHE A 80 3.93 -11.82 -12.69
CA PHE A 80 5.21 -11.36 -12.18
C PHE A 80 5.72 -12.26 -11.01
N SER A 81 6.93 -12.83 -11.22
CA SER A 81 7.56 -13.75 -10.18
C SER A 81 6.68 -15.06 -9.85
N PHE A 82 6.16 -15.32 -8.65
CA PHE A 82 5.14 -16.27 -8.39
C PHE A 82 3.90 -16.12 -9.28
N GLY A 83 3.63 -14.90 -9.70
CA GLY A 83 2.60 -14.68 -10.60
C GLY A 83 2.62 -15.50 -11.85
N GLY A 84 3.83 -15.95 -12.23
CA GLY A 84 3.88 -16.96 -13.29
C GLY A 84 3.10 -18.19 -13.03
N ILE A 85 3.16 -18.73 -11.83
CA ILE A 85 2.40 -19.91 -11.44
C ILE A 85 0.95 -19.61 -11.52
N ASN A 86 0.50 -18.45 -10.98
CA ASN A 86 -0.94 -18.07 -11.05
C ASN A 86 -1.51 -17.99 -12.50
N ILE A 87 -0.71 -17.42 -13.38
CA ILE A 87 -1.22 -17.22 -14.77
C ILE A 87 -1.24 -18.63 -15.46
N ALA A 88 -0.31 -19.54 -15.11
CA ALA A 88 -0.35 -20.89 -15.70
C ALA A 88 -1.59 -21.57 -15.18
N LEU A 89 -1.98 -21.45 -13.91
CA LEU A 89 -3.14 -22.03 -13.37
C LEU A 89 -4.39 -21.46 -14.08
N ALA A 90 -4.39 -20.17 -14.34
CA ALA A 90 -5.52 -19.56 -15.00
C ALA A 90 -5.65 -20.05 -16.46
N ALA A 91 -4.50 -20.19 -17.09
CA ALA A 91 -4.47 -20.57 -18.52
C ALA A 91 -4.95 -22.03 -18.65
N ASP A 92 -4.87 -22.80 -17.58
CA ASP A 92 -5.33 -24.20 -17.63
C ASP A 92 -6.84 -24.22 -17.47
N ILE A 93 -7.49 -23.20 -17.02
CA ILE A 93 -8.90 -23.10 -16.87
C ILE A 93 -9.64 -22.35 -17.97
N PHE A 94 -9.09 -21.21 -18.39
CA PHE A 94 -9.63 -20.34 -19.35
C PHE A 94 -8.65 -20.02 -20.49
N PRO A 95 -8.13 -21.02 -21.23
CA PRO A 95 -7.17 -20.72 -22.24
C PRO A 95 -7.72 -19.87 -23.30
N ALA A 96 -9.00 -19.95 -23.60
CA ALA A 96 -9.54 -19.12 -24.62
C ALA A 96 -9.71 -17.64 -24.39
N LYS A 97 -9.65 -17.25 -23.11
CA LYS A 97 -9.62 -15.88 -22.73
C LYS A 97 -8.28 -15.16 -22.75
N ILE A 98 -7.24 -15.86 -23.06
CA ILE A 98 -5.93 -15.34 -22.96
C ILE A 98 -5.35 -15.30 -24.32
N LYS A 99 -5.06 -14.10 -24.76
CA LYS A 99 -4.32 -13.91 -26.10
C LYS A 99 -2.86 -14.30 -26.00
N VAL A 100 -2.19 -13.88 -24.90
CA VAL A 100 -0.85 -14.28 -24.66
C VAL A 100 -0.53 -14.13 -23.14
N LEU A 101 0.20 -15.12 -22.69
CA LEU A 101 0.75 -15.09 -21.26
C LEU A 101 2.08 -14.33 -21.35
N VAL A 102 2.32 -13.35 -20.45
CA VAL A 102 3.60 -12.67 -20.36
C VAL A 102 4.21 -13.05 -18.98
N PHE A 103 5.27 -13.80 -19.04
CA PHE A 103 6.04 -14.24 -17.84
C PHE A 103 7.05 -13.16 -17.64
N LEU A 104 6.85 -12.30 -16.58
CA LEU A 104 7.62 -11.15 -16.24
C LEU A 104 8.55 -11.49 -15.07
N ASN A 105 9.84 -11.77 -15.28
CA ASN A 105 10.69 -12.19 -14.13
C ASN A 105 10.07 -13.23 -13.30
N ALA A 106 9.45 -14.21 -13.99
CA ALA A 106 8.53 -15.10 -13.41
C ALA A 106 8.97 -16.52 -13.38
N PHE A 107 8.30 -17.32 -12.51
CA PHE A 107 8.43 -18.77 -12.56
C PHE A 107 7.57 -19.22 -13.77
N LEU A 108 8.20 -20.08 -14.64
CA LEU A 108 7.61 -20.56 -15.88
C LEU A 108 7.53 -22.11 -15.72
N PRO A 109 6.30 -22.60 -15.33
CA PRO A 109 6.20 -24.02 -15.05
C PRO A 109 6.07 -24.74 -16.41
N ASP A 110 6.32 -26.02 -16.34
CA ASP A 110 6.10 -26.90 -17.55
C ASP A 110 4.87 -27.77 -17.44
N THR A 111 4.68 -28.73 -18.43
CA THR A 111 3.53 -29.62 -18.40
C THR A 111 4.06 -31.14 -18.14
N THR A 112 5.28 -31.29 -17.80
CA THR A 112 5.96 -32.56 -17.55
C THR A 112 6.26 -32.88 -16.12
N HIS A 113 6.82 -31.95 -15.33
CA HIS A 113 7.19 -32.13 -13.96
C HIS A 113 6.00 -31.63 -13.08
N VAL A 114 6.05 -32.02 -11.84
CA VAL A 114 5.02 -31.59 -10.92
C VAL A 114 5.00 -30.03 -10.91
N PRO A 115 3.83 -29.42 -10.60
CA PRO A 115 3.73 -27.93 -10.67
C PRO A 115 4.78 -27.17 -9.86
N SER A 116 5.24 -27.70 -8.74
CA SER A 116 6.26 -27.06 -7.88
C SER A 116 7.72 -27.10 -8.42
N HIS A 117 7.91 -27.78 -9.59
CA HIS A 117 9.27 -28.10 -10.04
C HIS A 117 10.21 -26.92 -10.08
N VAL A 118 9.77 -25.81 -10.73
CA VAL A 118 10.69 -24.69 -10.91
C VAL A 118 10.92 -23.94 -9.56
N LEU A 119 9.94 -23.95 -8.67
CA LEU A 119 10.05 -23.39 -7.32
C LEU A 119 11.04 -24.23 -6.51
N ASP A 120 10.89 -25.57 -6.57
CA ASP A 120 11.79 -26.45 -5.84
C ASP A 120 13.25 -26.24 -6.31
N LYS A 121 13.43 -26.07 -7.66
CA LYS A 121 14.80 -25.75 -8.16
C LYS A 121 15.38 -24.48 -7.70
N LEU A 122 14.55 -23.39 -7.70
CA LEU A 122 15.09 -22.16 -7.21
C LEU A 122 15.42 -22.28 -5.73
N MET A 123 14.61 -22.96 -4.90
CA MET A 123 14.91 -23.09 -3.57
C MET A 123 16.17 -23.89 -3.23
N GLU A 124 16.48 -24.84 -4.11
CA GLU A 124 17.82 -25.53 -3.99
C GLU A 124 18.98 -24.61 -4.31
N MET A 125 18.78 -23.75 -5.27
CA MET A 125 19.85 -22.91 -5.82
C MET A 125 20.16 -21.71 -4.94
N PHE A 126 19.14 -21.05 -4.39
CA PHE A 126 19.31 -19.66 -4.04
C PHE A 126 19.83 -19.50 -2.64
N GLY A 127 20.95 -18.74 -2.48
CA GLY A 127 21.58 -18.57 -1.17
C GLY A 127 21.59 -17.18 -0.64
N GLY A 128 20.67 -16.37 -1.12
CA GLY A 128 20.66 -14.92 -0.73
C GLY A 128 19.37 -14.54 0.03
N TRP A 129 18.76 -15.45 0.81
CA TRP A 129 17.49 -15.00 1.57
C TRP A 129 17.75 -14.08 2.66
N GLY A 130 18.98 -13.97 3.19
CA GLY A 130 19.30 -12.89 4.06
C GLY A 130 18.51 -12.93 5.36
N ASP A 131 17.83 -11.78 5.68
CA ASP A 131 17.03 -11.67 6.89
C ASP A 131 15.50 -12.05 6.70
N THR A 132 15.23 -12.76 5.61
CA THR A 132 13.95 -13.36 5.39
C THR A 132 13.68 -14.30 6.52
N GLU A 133 12.41 -14.33 6.97
CA GLU A 133 11.94 -15.16 8.00
CA GLU A 133 11.98 -15.24 7.98
C GLU A 133 11.12 -16.29 7.39
N PHE A 134 11.53 -17.53 7.57
CA PHE A 134 10.83 -18.69 7.12
C PHE A 134 10.05 -19.30 8.25
N SER A 135 8.84 -19.76 8.07
CA SER A 135 8.02 -20.39 9.08
C SER A 135 7.04 -21.34 8.49
N SER A 136 6.40 -22.15 9.32
CA SER A 136 5.40 -23.20 8.88
C SER A 136 4.09 -22.93 9.59
N HIS A 137 2.99 -23.39 9.05
CA HIS A 137 1.76 -23.44 9.67
C HIS A 137 1.06 -24.73 9.35
N GLU A 138 0.60 -25.44 10.39
CA GLU A 138 0.01 -26.74 10.11
C GLU A 138 -1.44 -26.64 9.79
N THR A 139 -1.83 -27.23 8.67
CA THR A 139 -3.21 -27.22 8.26
C THR A 139 -3.75 -28.65 8.38
N ARG A 140 -5.09 -28.76 8.28
CA ARG A 140 -5.65 -30.10 8.35
C ARG A 140 -5.07 -31.07 7.19
N ASN A 141 -4.53 -30.58 6.08
CA ASN A 141 -3.94 -31.36 5.00
C ASN A 141 -2.42 -31.31 4.89
N GLY A 142 -1.72 -30.75 5.84
CA GLY A 142 -0.30 -30.78 5.68
C GLY A 142 0.29 -29.44 6.16
N THR A 143 1.57 -29.52 6.33
CA THR A 143 2.39 -28.32 6.51
C THR A 143 2.28 -27.35 5.28
N MET A 144 2.16 -26.08 5.66
CA MET A 144 2.20 -24.96 4.69
C MET A 144 3.43 -24.12 5.05
N SER A 145 4.38 -23.95 4.17
CA SER A 145 5.53 -23.18 4.38
C SER A 145 5.24 -21.74 3.98
N LEU A 146 5.70 -20.88 4.87
CA LEU A 146 5.48 -19.41 4.79
C LEU A 146 6.80 -18.66 4.73
N LEU A 147 6.76 -17.42 4.18
CA LEU A 147 7.92 -16.56 4.24
C LEU A 147 7.52 -15.09 4.45
N LYS A 148 8.36 -14.37 5.17
CA LYS A 148 8.25 -12.93 5.33
C LYS A 148 9.52 -12.37 4.94
N MET A 149 9.59 -11.61 3.90
CA MET A 149 10.84 -10.90 3.53
C MET A 149 11.36 -10.04 4.59
N GLY A 150 12.72 -10.06 4.66
CA GLY A 150 13.37 -9.13 5.50
C GLY A 150 13.75 -7.85 4.71
N PRO A 151 13.90 -6.72 5.41
CA PRO A 151 14.18 -5.53 4.68
C PRO A 151 15.57 -5.46 3.98
N LYS A 152 16.58 -6.13 4.56
CA LYS A 152 17.86 -6.12 3.95
C LYS A 152 17.85 -6.91 2.66
N PHE A 153 17.21 -8.05 2.75
CA PHE A 153 16.98 -8.97 1.61
C PHE A 153 16.30 -8.15 0.49
N MET A 154 15.24 -7.45 0.87
CA MET A 154 14.51 -6.67 -0.11
C MET A 154 15.38 -5.67 -0.81
N LYS A 155 16.18 -4.96 -0.03
CA LYS A 155 16.99 -3.92 -0.64
C LYS A 155 18.05 -4.47 -1.55
N ALA A 156 18.60 -5.58 -1.11
CA ALA A 156 19.72 -6.15 -1.91
C ALA A 156 19.33 -6.98 -3.09
N ARG A 157 18.23 -7.69 -2.96
N ARG A 157 18.23 -7.69 -2.99
CA ARG A 157 17.87 -8.78 -3.89
CA ARG A 157 17.90 -8.71 -3.99
C ARG A 157 16.72 -8.40 -4.82
C ARG A 157 16.70 -8.38 -4.85
N LEU A 158 15.83 -7.45 -4.41
CA LEU A 158 14.62 -7.11 -5.19
C LEU A 158 14.58 -5.71 -5.66
N TYR A 159 14.99 -4.73 -4.81
CA TYR A 159 14.73 -3.29 -5.07
C TYR A 159 16.05 -2.49 -5.36
N GLN A 160 17.11 -3.22 -5.64
CA GLN A 160 18.43 -2.50 -5.64
C GLN A 160 18.54 -1.40 -6.64
N ASN A 161 17.75 -1.39 -7.72
CA ASN A 161 17.78 -0.36 -8.70
C ASN A 161 16.50 0.48 -8.66
N CYS A 162 15.73 0.38 -7.54
CA CYS A 162 14.54 1.24 -7.46
C CYS A 162 14.78 2.52 -6.75
N PRO A 163 13.99 3.56 -7.00
CA PRO A 163 14.02 4.77 -6.16
C PRO A 163 13.87 4.42 -4.69
N ILE A 164 14.55 5.15 -3.84
CA ILE A 164 14.42 4.90 -2.45
C ILE A 164 12.96 4.96 -1.96
N GLU A 165 12.14 5.85 -2.49
CA GLU A 165 10.73 5.94 -2.06
C GLU A 165 10.05 4.61 -2.37
N ASP A 166 10.36 3.98 -3.47
CA ASP A 166 9.69 2.70 -3.75
C ASP A 166 10.04 1.66 -2.71
N TYR A 167 11.31 1.59 -2.33
CA TYR A 167 11.73 0.69 -1.28
C TYR A 167 11.03 1.02 0.05
N GLU A 168 10.85 2.27 0.40
CA GLU A 168 10.16 2.64 1.60
C GLU A 168 8.66 2.23 1.55
N LEU A 169 8.11 2.46 0.37
CA LEU A 169 6.70 2.06 0.19
C LEU A 169 6.57 0.54 0.41
N ALA A 170 7.50 -0.27 -0.18
CA ALA A 170 7.47 -1.69 -0.06
C ALA A 170 7.64 -2.13 1.38
N LYS A 171 8.52 -1.47 2.16
CA LYS A 171 8.63 -1.79 3.58
C LYS A 171 7.32 -1.62 4.35
N MET A 172 6.56 -0.59 3.89
N MET A 172 6.51 -0.63 3.94
CA MET A 172 5.28 -0.22 4.45
CA MET A 172 5.27 -0.42 4.65
C MET A 172 4.13 -1.18 4.12
C MET A 172 4.10 -1.23 4.15
N LEU A 173 4.28 -1.99 3.08
CA LEU A 173 3.16 -2.77 2.55
C LEU A 173 3.45 -4.29 2.37
N HIS A 174 4.72 -4.75 2.37
CA HIS A 174 4.85 -6.19 2.16
C HIS A 174 4.34 -6.93 3.35
N ARG A 175 3.95 -8.17 2.98
CA ARG A 175 3.33 -9.09 3.88
C ARG A 175 3.88 -10.51 3.87
N GLN A 176 3.73 -11.21 4.99
CA GLN A 176 3.91 -12.68 4.99
C GLN A 176 3.10 -13.32 3.86
N GLY A 177 3.79 -14.20 3.11
CA GLY A 177 3.23 -14.94 2.03
C GLY A 177 3.63 -16.40 1.95
N SER A 178 3.48 -16.96 0.75
CA SER A 178 3.83 -18.38 0.52
C SER A 178 4.01 -18.65 -0.88
N PHE A 179 4.94 -19.57 -1.20
CA PHE A 179 4.97 -20.12 -2.51
C PHE A 179 4.20 -21.45 -2.62
N PHE A 180 3.43 -21.84 -1.62
CA PHE A 180 2.55 -22.99 -1.77
C PHE A 180 3.26 -24.26 -2.29
N THR A 181 4.52 -24.42 -1.84
CA THR A 181 5.31 -25.49 -2.48
C THR A 181 4.69 -26.87 -2.18
N GLU A 182 4.26 -27.09 -0.95
CA GLU A 182 3.68 -28.40 -0.60
C GLU A 182 2.41 -28.62 -1.45
N ASP A 183 1.51 -27.56 -1.58
CA ASP A 183 0.27 -27.78 -2.28
C ASP A 183 0.54 -27.99 -3.70
N LEU A 184 1.50 -27.25 -4.29
CA LEU A 184 1.84 -27.38 -5.71
C LEU A 184 2.48 -28.78 -6.06
N SER A 185 3.14 -29.31 -5.05
CA SER A 185 3.83 -30.67 -5.22
C SER A 185 2.79 -31.71 -5.36
N LYS A 186 1.58 -31.51 -4.85
CA LYS A 186 0.51 -32.52 -4.77
C LYS A 186 -0.47 -32.35 -5.92
N LYS A 187 -0.42 -31.23 -6.66
CA LYS A 187 -1.36 -30.93 -7.63
C LYS A 187 -1.09 -31.65 -8.94
N GLU A 188 -2.20 -31.86 -9.68
CA GLU A 188 -2.06 -32.41 -11.03
C GLU A 188 -1.17 -31.54 -11.94
N LYS A 189 -0.27 -32.16 -12.72
CA LYS A 189 0.50 -31.44 -13.72
C LYS A 189 -0.35 -30.49 -14.57
N PHE A 190 0.24 -29.31 -14.87
CA PHE A 190 -0.34 -28.44 -15.85
C PHE A 190 -0.51 -29.18 -17.18
N SER A 191 -1.58 -28.85 -17.84
CA SER A 191 -1.97 -29.63 -19.07
C SER A 191 -1.48 -29.00 -20.34
N GLU A 192 -1.31 -29.85 -21.40
CA GLU A 192 -0.97 -29.38 -22.69
C GLU A 192 -2.13 -28.74 -23.37
N GLU A 193 -3.35 -29.22 -23.14
CA GLU A 193 -4.47 -28.76 -23.88
C GLU A 193 -4.96 -27.39 -23.41
N GLY A 194 -4.72 -27.08 -22.12
CA GLY A 194 -5.09 -25.77 -21.60
C GLY A 194 -3.88 -24.91 -21.59
N TYR A 195 -3.14 -24.87 -20.46
CA TYR A 195 -1.98 -23.96 -20.37
C TYR A 195 -1.00 -24.04 -21.54
N GLY A 196 -0.70 -25.30 -21.92
CA GLY A 196 0.35 -25.44 -22.96
C GLY A 196 -0.10 -24.98 -24.37
N SER A 197 -1.40 -24.78 -24.60
CA SER A 197 -1.93 -24.27 -25.82
C SER A 197 -1.83 -22.81 -26.01
N VAL A 198 -1.69 -22.03 -24.89
CA VAL A 198 -1.74 -20.60 -24.96
C VAL A 198 -0.41 -20.01 -25.38
N GLN A 199 -0.48 -18.94 -26.12
CA GLN A 199 0.79 -18.38 -26.52
C GLN A 199 1.47 -17.72 -25.28
N ARG A 200 2.78 -17.78 -25.30
CA ARG A 200 3.56 -17.31 -24.10
C ARG A 200 4.87 -16.62 -24.50
N VAL A 201 5.28 -15.58 -23.86
CA VAL A 201 6.48 -14.88 -24.01
C VAL A 201 7.07 -14.60 -22.66
N TYR A 202 8.37 -14.28 -22.65
CA TYR A 202 9.12 -14.02 -21.38
C TYR A 202 9.72 -12.68 -21.40
N VAL A 203 9.64 -11.86 -20.33
CA VAL A 203 10.25 -10.58 -20.24
C VAL A 203 11.15 -10.65 -19.06
N MET A 204 12.46 -10.40 -19.24
CA MET A 204 13.49 -10.61 -18.20
C MET A 204 14.24 -9.31 -17.93
N SER A 205 14.53 -8.96 -16.66
CA SER A 205 15.30 -7.87 -16.31
C SER A 205 16.75 -8.30 -16.34
N SER A 206 17.64 -7.42 -16.78
CA SER A 206 19.07 -7.84 -16.90
C SER A 206 19.78 -7.90 -15.56
N GLU A 207 19.23 -7.25 -14.50
CA GLU A 207 19.85 -7.25 -13.18
C GLU A 207 18.87 -7.82 -12.08
N ASP A 208 18.20 -8.90 -12.40
CA ASP A 208 17.29 -9.58 -11.45
C ASP A 208 18.16 -10.35 -10.45
N LYS A 209 18.20 -10.04 -9.21
CA LYS A 209 19.06 -10.65 -8.22
C LYS A 209 18.34 -11.69 -7.39
N ILE A 210 17.09 -11.99 -7.70
CA ILE A 210 16.47 -13.19 -7.02
C ILE A 210 16.17 -14.26 -8.10
N ILE A 211 15.74 -13.93 -9.32
CA ILE A 211 15.54 -14.85 -10.42
C ILE A 211 16.57 -14.58 -11.43
N PRO A 212 17.78 -15.19 -11.20
CA PRO A 212 18.95 -14.97 -11.97
C PRO A 212 18.79 -15.29 -13.36
N CYS A 213 19.42 -14.44 -14.13
CA CYS A 213 19.43 -14.62 -15.55
C CYS A 213 19.80 -16.06 -16.06
N ASP A 214 20.73 -16.80 -15.38
CA ASP A 214 20.93 -18.23 -15.75
C ASP A 214 19.81 -19.15 -15.43
N PHE A 215 19.09 -18.94 -14.30
CA PHE A 215 17.94 -19.77 -13.98
C PHE A 215 16.78 -19.57 -14.94
N ILE A 216 16.63 -18.32 -15.41
CA ILE A 216 15.57 -18.00 -16.46
C ILE A 216 15.81 -18.76 -17.70
N ARG A 217 17.10 -18.77 -18.11
CA ARG A 217 17.48 -19.58 -19.29
C ARG A 217 17.21 -21.04 -19.13
N TRP A 218 17.45 -21.58 -17.89
CA TRP A 218 17.13 -22.96 -17.57
C TRP A 218 15.64 -23.27 -17.70
N MET A 219 14.80 -22.41 -17.07
CA MET A 219 13.36 -22.61 -17.26
C MET A 219 12.90 -22.58 -18.77
N ILE A 220 13.43 -21.62 -19.46
CA ILE A 220 12.92 -21.45 -20.88
C ILE A 220 13.41 -22.65 -21.72
N ASP A 221 14.61 -23.03 -21.43
CA ASP A 221 15.18 -24.26 -22.05
C ASP A 221 14.35 -25.46 -21.75
N ASN A 222 13.79 -25.49 -20.55
CA ASN A 222 12.92 -26.57 -20.21
C ASN A 222 11.49 -26.45 -20.76
N PHE A 223 11.04 -25.28 -21.15
CA PHE A 223 9.73 -25.07 -21.62
C PHE A 223 9.69 -23.84 -22.47
N ASN A 224 9.67 -24.02 -23.80
CA ASN A 224 10.11 -22.88 -24.62
C ASN A 224 9.02 -21.75 -24.68
N VAL A 225 9.41 -20.55 -25.06
CA VAL A 225 8.50 -19.43 -25.27
C VAL A 225 8.58 -18.92 -26.69
N SER A 226 7.64 -18.13 -27.13
CA SER A 226 7.67 -17.62 -28.50
C SER A 226 8.79 -16.60 -28.66
N LYS A 227 9.06 -15.84 -27.65
CA LYS A 227 9.87 -14.73 -27.72
C LYS A 227 10.34 -14.30 -26.32
N VAL A 228 11.56 -13.74 -26.24
CA VAL A 228 12.15 -13.20 -25.04
C VAL A 228 12.47 -11.79 -25.21
N TYR A 229 12.07 -10.94 -24.24
CA TYR A 229 12.32 -9.53 -24.22
C TYR A 229 13.19 -9.28 -23.00
N GLU A 230 14.12 -8.35 -23.12
CA GLU A 230 15.06 -8.05 -22.01
C GLU A 230 14.97 -6.63 -21.69
N ILE A 231 14.85 -6.27 -20.39
CA ILE A 231 14.85 -4.92 -19.94
C ILE A 231 16.13 -4.57 -19.31
N ASP A 232 16.85 -3.74 -20.07
CA ASP A 232 18.11 -3.38 -19.58
C ASP A 232 18.13 -2.50 -18.33
N GLY A 233 18.85 -2.97 -17.30
CA GLY A 233 19.06 -2.25 -16.09
C GLY A 233 17.91 -2.52 -15.03
N GLY A 234 16.97 -3.38 -15.41
CA GLY A 234 15.88 -3.64 -14.44
C GLY A 234 16.37 -4.53 -13.34
N ASP A 235 15.90 -4.19 -12.10
CA ASP A 235 16.00 -5.14 -11.05
C ASP A 235 14.78 -6.08 -11.06
N HIS A 236 14.57 -6.90 -10.08
CA HIS A 236 13.42 -7.81 -10.04
C HIS A 236 12.14 -6.98 -10.12
N MET A 237 12.03 -5.93 -9.31
CA MET A 237 10.86 -5.10 -9.29
C MET A 237 10.82 -4.08 -10.42
N VAL A 238 10.82 -4.66 -11.64
CA VAL A 238 11.04 -3.80 -12.84
C VAL A 238 9.95 -2.86 -13.12
N MET A 239 8.71 -3.15 -12.63
CA MET A 239 7.63 -2.17 -12.74
C MET A 239 7.78 -0.98 -11.89
N LEU A 240 8.74 -1.05 -10.96
CA LEU A 240 9.11 0.09 -10.10
C LEU A 240 10.47 0.71 -10.57
N SER A 241 11.44 -0.10 -10.95
CA SER A 241 12.74 0.49 -11.36
C SER A 241 12.74 0.98 -12.80
N LYS A 242 12.07 0.26 -13.70
CA LYS A 242 12.03 0.63 -15.16
C LYS A 242 10.66 0.58 -15.78
N PRO A 243 9.76 1.40 -15.24
CA PRO A 243 8.37 1.24 -15.69
C PRO A 243 8.17 1.67 -17.16
N GLN A 244 8.96 2.64 -17.62
CA GLN A 244 8.79 2.99 -19.05
C GLN A 244 9.32 1.94 -19.99
N LYS A 245 10.43 1.29 -19.66
CA LYS A 245 10.91 0.19 -20.42
C LYS A 245 10.03 -1.01 -20.39
N LEU A 246 9.33 -1.25 -19.23
CA LEU A 246 8.42 -2.35 -19.22
C LEU A 246 7.22 -2.03 -20.10
N PHE A 247 6.72 -0.85 -20.00
CA PHE A 247 5.67 -0.39 -20.89
C PHE A 247 6.05 -0.56 -22.39
N ASP A 248 7.30 -0.26 -22.68
CA ASP A 248 7.83 -0.51 -24.09
C ASP A 248 7.72 -1.96 -24.42
N SER A 249 8.16 -2.91 -23.59
CA SER A 249 8.07 -4.29 -23.87
C SER A 249 6.64 -4.77 -24.03
N LEU A 250 5.76 -4.40 -23.12
CA LEU A 250 4.38 -4.81 -23.23
C LEU A 250 3.67 -4.26 -24.51
N SER A 251 4.09 -3.09 -24.86
CA SER A 251 3.52 -2.35 -26.07
C SER A 251 3.98 -3.16 -27.32
N ALA A 252 5.26 -3.59 -27.30
CA ALA A 252 5.73 -4.52 -28.41
C ALA A 252 4.98 -5.89 -28.50
N ILE A 253 4.66 -6.49 -27.32
CA ILE A 253 3.95 -7.69 -27.25
C ILE A 253 2.56 -7.48 -27.76
N ALA A 254 1.96 -6.35 -27.48
CA ALA A 254 0.55 -6.10 -27.88
C ALA A 254 0.56 -6.01 -29.43
N THR A 255 1.63 -5.43 -29.96
CA THR A 255 1.68 -5.24 -31.46
C THR A 255 1.92 -6.55 -32.09
N ASP A 256 2.70 -7.47 -31.54
CA ASP A 256 2.69 -8.83 -32.15
C ASP A 256 1.40 -9.71 -32.05
N TYR A 257 0.52 -9.44 -31.09
CA TYR A 257 -0.75 -10.23 -30.98
C TYR A 257 -1.91 -9.31 -31.21
N MET A 258 -1.80 -8.42 -32.21
CA MET A 258 -2.78 -7.34 -32.37
C MET A 258 -4.10 -7.84 -32.97
N GLY A 259 -5.21 -7.41 -32.36
CA GLY A 259 -6.54 -7.93 -32.68
C GLY A 259 -7.52 -7.71 -31.54
N MET B 1 27.31 19.54 13.82
CA MET B 1 26.05 19.34 13.04
C MET B 1 24.87 19.63 14.03
N GLU B 2 23.85 20.39 13.56
CA GLU B 2 22.51 20.53 14.22
C GLU B 2 21.93 19.13 14.76
N ARG B 3 21.45 19.07 15.99
CA ARG B 3 20.76 17.92 16.60
C ARG B 3 19.46 17.56 15.75
N LYS B 4 19.30 16.31 15.46
CA LYS B 4 18.20 15.88 14.53
C LYS B 4 17.08 15.43 15.46
N HIS B 5 15.92 15.05 14.93
CA HIS B 5 14.79 14.75 15.74
C HIS B 5 14.19 13.40 15.25
N HIS B 6 13.33 12.87 16.10
CA HIS B 6 12.51 11.70 15.74
C HIS B 6 11.11 12.24 15.48
N PHE B 7 10.70 12.04 14.20
CA PHE B 7 9.36 12.34 13.75
C PHE B 7 8.48 11.05 13.83
N VAL B 8 7.33 11.21 14.41
CA VAL B 8 6.30 10.16 14.41
C VAL B 8 5.15 10.65 13.57
N LEU B 9 4.88 9.93 12.48
CA LEU B 9 3.90 10.33 11.51
C LEU B 9 2.65 9.52 11.58
N VAL B 10 1.53 10.19 11.57
CA VAL B 10 0.20 9.54 11.80
C VAL B 10 -0.71 9.89 10.66
N HIS B 11 -1.12 8.90 9.90
CA HIS B 11 -2.00 9.02 8.72
C HIS B 11 -3.45 9.29 9.03
N ASN B 12 -4.17 9.56 7.98
CA ASN B 12 -5.61 9.90 7.96
C ASN B 12 -6.52 8.72 7.90
N ALA B 13 -7.78 8.95 8.12
CA ALA B 13 -8.76 7.82 8.07
C ALA B 13 -8.74 7.35 6.61
N CYS B 14 -8.94 6.02 6.50
CA CYS B 14 -9.11 5.32 5.22
C CYS B 14 -7.85 5.07 4.46
N HIS B 15 -6.71 5.47 5.08
CA HIS B 15 -5.39 5.34 4.53
C HIS B 15 -4.50 4.67 5.51
N GLY B 16 -3.19 4.72 5.35
CA GLY B 16 -2.28 3.95 6.16
C GLY B 16 -0.90 4.62 6.09
N ALA B 17 0.03 3.85 6.67
CA ALA B 17 1.40 4.36 6.81
C ALA B 17 1.98 4.66 5.47
N TRP B 18 1.60 3.91 4.43
CA TRP B 18 2.09 4.07 3.09
C TRP B 18 2.05 5.49 2.51
N ILE B 19 1.13 6.30 3.02
CA ILE B 19 1.02 7.67 2.50
C ILE B 19 2.35 8.45 2.71
N TRP B 20 3.18 8.03 3.66
CA TRP B 20 4.39 8.75 4.00
C TRP B 20 5.61 8.25 3.17
N TYR B 21 5.41 7.51 2.12
CA TYR B 21 6.52 6.85 1.45
C TYR B 21 7.44 7.84 0.74
N LYS B 22 7.02 9.05 0.40
CA LYS B 22 7.87 10.09 -0.17
C LYS B 22 8.48 10.92 0.93
N LEU B 23 7.79 11.23 1.97
CA LEU B 23 8.32 12.07 2.99
C LEU B 23 9.34 11.41 3.83
N LYS B 24 9.15 10.19 4.17
CA LYS B 24 10.02 9.47 5.08
C LYS B 24 11.49 9.48 4.60
N PRO B 25 11.86 9.13 3.43
CA PRO B 25 13.25 9.22 3.00
C PRO B 25 13.81 10.60 2.93
N LEU B 26 13.01 11.60 2.68
CA LEU B 26 13.50 12.99 2.68
C LEU B 26 13.91 13.33 4.12
N LEU B 27 13.11 13.00 5.12
CA LEU B 27 13.48 13.27 6.50
C LEU B 27 14.67 12.48 6.92
N GLU B 28 14.74 11.22 6.59
CA GLU B 28 15.88 10.33 6.95
C GLU B 28 17.10 10.76 6.23
N SER B 29 17.07 11.28 5.00
CA SER B 29 18.30 11.79 4.38
C SER B 29 18.84 12.98 5.04
N ALA B 30 18.03 13.78 5.70
CA ALA B 30 18.43 14.92 6.50
C ALA B 30 18.95 14.48 7.85
N GLY B 31 19.02 13.22 8.17
CA GLY B 31 19.52 12.74 9.47
C GLY B 31 18.54 12.51 10.59
N HIS B 32 17.22 12.76 10.26
CA HIS B 32 16.21 12.50 11.25
C HIS B 32 15.74 11.04 11.24
N ARG B 33 15.15 10.65 12.35
CA ARG B 33 14.51 9.35 12.50
C ARG B 33 13.01 9.53 12.26
N VAL B 34 12.41 8.49 11.63
CA VAL B 34 10.98 8.54 11.29
C VAL B 34 10.38 7.24 11.67
N THR B 35 9.20 7.33 12.33
CA THR B 35 8.33 6.20 12.60
C THR B 35 6.98 6.55 11.94
N ALA B 36 6.54 5.71 10.98
CA ALA B 36 5.27 5.92 10.30
C ALA B 36 4.24 4.83 10.89
N VAL B 37 3.39 5.31 11.78
CA VAL B 37 2.51 4.40 12.56
C VAL B 37 1.50 3.82 11.56
N GLU B 38 1.06 2.63 11.75
CA GLU B 38 -0.08 2.00 10.98
C GLU B 38 -1.19 1.86 12.03
N LEU B 39 -2.27 2.66 11.99
CA LEU B 39 -3.35 2.58 12.94
C LEU B 39 -4.19 1.25 12.69
N ALA B 40 -5.09 0.98 13.69
CA ALA B 40 -5.80 -0.25 13.58
C ALA B 40 -6.70 -0.15 12.33
N ALA B 41 -6.85 -1.33 11.69
CA ALA B 41 -7.69 -1.52 10.52
C ALA B 41 -7.36 -0.61 9.37
N SER B 42 -6.07 -0.16 9.35
CA SER B 42 -5.56 0.76 8.37
C SER B 42 -4.45 0.15 7.57
N GLY B 43 -4.27 0.50 6.31
CA GLY B 43 -3.18 -0.05 5.52
C GLY B 43 -3.17 -1.56 5.48
N ILE B 44 -2.08 -2.23 5.89
CA ILE B 44 -2.03 -3.65 5.96
C ILE B 44 -2.31 -4.16 7.39
N ASP B 45 -2.84 -3.39 8.32
CA ASP B 45 -3.30 -3.92 9.58
C ASP B 45 -4.32 -5.00 9.26
N PRO B 46 -4.22 -6.13 10.06
CA PRO B 46 -5.03 -7.28 9.68
C PRO B 46 -6.49 -7.21 10.10
N ARG B 47 -6.84 -6.25 10.87
CA ARG B 47 -8.24 -6.17 11.31
C ARG B 47 -9.12 -5.41 10.31
N PRO B 48 -10.42 -5.78 10.09
CA PRO B 48 -11.31 -4.96 9.46
C PRO B 48 -11.80 -3.79 10.38
N ILE B 49 -12.30 -2.65 9.79
CA ILE B 49 -12.72 -1.55 10.61
C ILE B 49 -13.89 -1.99 11.58
N GLN B 50 -14.63 -2.96 11.15
CA GLN B 50 -15.73 -3.46 11.94
C GLN B 50 -15.29 -4.06 13.24
N ALA B 51 -14.02 -4.47 13.36
CA ALA B 51 -13.50 -5.01 14.62
C ALA B 51 -12.91 -3.95 15.54
N VAL B 52 -12.89 -2.70 15.05
CA VAL B 52 -12.25 -1.63 15.83
C VAL B 52 -13.41 -0.66 16.17
N GLU B 53 -13.85 -0.84 17.36
CA GLU B 53 -15.20 -0.20 17.61
C GLU B 53 -15.09 1.14 18.29
N THR B 54 -13.91 1.54 18.75
CA THR B 54 -13.75 2.77 19.42
C THR B 54 -12.51 3.47 18.95
N VAL B 55 -12.50 4.78 19.11
CA VAL B 55 -11.34 5.60 18.73
C VAL B 55 -10.08 5.20 19.52
N ASP B 56 -10.20 4.75 20.82
CA ASP B 56 -9.03 4.34 21.55
C ASP B 56 -8.42 3.09 20.92
N GLU B 57 -9.30 2.13 20.45
CA GLU B 57 -8.80 0.96 19.82
CA GLU B 57 -8.74 0.97 19.84
C GLU B 57 -8.08 1.35 18.49
N TYR B 58 -8.71 2.24 17.77
CA TYR B 58 -8.13 2.78 16.50
C TYR B 58 -6.68 3.32 16.71
N SER B 59 -6.58 4.06 17.82
CA SER B 59 -5.35 4.82 18.09
C SER B 59 -4.32 4.01 18.81
N LYS B 60 -4.60 2.81 19.21
CA LYS B 60 -3.70 2.01 20.09
C LYS B 60 -2.28 1.86 19.51
N PRO B 61 -2.09 1.67 18.17
CA PRO B 61 -0.75 1.52 17.71
C PRO B 61 0.09 2.82 17.95
N LEU B 62 -0.50 3.98 17.90
CA LEU B 62 0.24 5.21 18.24
C LEU B 62 0.59 5.25 19.76
N ILE B 63 -0.40 4.97 20.57
CA ILE B 63 -0.05 4.94 22.01
C ILE B 63 1.00 3.97 22.30
N GLU B 64 1.00 2.79 21.68
CA GLU B 64 2.05 1.84 21.90
C GLU B 64 3.39 2.30 21.44
N THR B 65 3.47 3.00 20.27
CA THR B 65 4.69 3.52 19.74
C THR B 65 5.24 4.52 20.80
N LEU B 66 4.42 5.38 21.37
CA LEU B 66 4.97 6.36 22.32
C LEU B 66 5.39 5.62 23.57
N LYS B 67 4.59 4.69 24.03
CA LYS B 67 4.89 3.94 25.33
C LYS B 67 6.26 3.28 25.20
N SER B 68 6.65 2.80 24.06
CA SER B 68 7.82 2.02 23.82
C SER B 68 9.13 2.94 23.65
N LEU B 69 9.03 4.27 23.60
CA LEU B 69 10.20 5.13 23.43
C LEU B 69 11.10 5.05 24.72
N PRO B 70 12.40 5.09 24.43
CA PRO B 70 13.34 5.18 25.61
C PRO B 70 13.01 6.37 26.50
N GLU B 71 13.37 6.22 27.78
CA GLU B 71 13.14 7.22 28.74
C GLU B 71 13.80 8.55 28.26
N ASN B 72 13.03 9.58 28.47
CA ASN B 72 13.36 10.93 28.14
C ASN B 72 13.40 11.36 26.69
N GLU B 73 13.07 10.40 25.79
CA GLU B 73 12.97 10.76 24.42
C GLU B 73 11.64 11.49 24.16
N GLU B 74 11.79 12.53 23.34
CA GLU B 74 10.64 13.33 22.91
C GLU B 74 10.60 13.33 21.36
N VAL B 75 9.40 13.33 20.81
CA VAL B 75 9.24 13.26 19.36
C VAL B 75 8.55 14.52 18.85
N ILE B 76 8.66 14.73 17.54
CA ILE B 76 7.79 15.66 16.77
C ILE B 76 6.64 14.77 16.23
N LEU B 77 5.44 15.02 16.72
CA LEU B 77 4.29 14.14 16.46
C LEU B 77 3.44 14.83 15.41
N VAL B 78 3.37 14.24 14.21
CA VAL B 78 2.69 14.84 13.05
C VAL B 78 1.37 14.06 12.85
N GLY B 79 0.24 14.73 12.93
CA GLY B 79 -1.03 14.13 12.67
C GLY B 79 -1.65 14.70 11.43
N PHE B 80 -2.07 13.87 10.50
CA PHE B 80 -2.67 14.27 9.24
C PHE B 80 -4.17 14.03 9.22
N SER B 81 -4.92 15.11 8.95
CA SER B 81 -6.41 15.01 8.78
C SER B 81 -7.14 14.44 10.14
N PHE B 82 -7.86 13.30 10.16
CA PHE B 82 -8.26 12.66 11.40
C PHE B 82 -7.10 12.34 12.29
N GLY B 83 -5.88 12.23 11.76
CA GLY B 83 -4.70 12.09 12.58
C GLY B 83 -4.56 13.16 13.68
N GLY B 84 -5.10 14.36 13.43
CA GLY B 84 -5.13 15.38 14.49
C GLY B 84 -5.83 14.90 15.72
N ILE B 85 -6.95 14.21 15.57
CA ILE B 85 -7.59 13.60 16.71
C ILE B 85 -6.76 12.57 17.37
N ASN B 86 -6.10 11.71 16.61
CA ASN B 86 -5.28 10.70 17.28
C ASN B 86 -4.14 11.30 18.04
N ILE B 87 -3.48 12.38 17.49
CA ILE B 87 -2.35 12.93 18.20
C ILE B 87 -2.78 13.69 19.47
N ALA B 88 -3.97 14.27 19.36
CA ALA B 88 -4.51 14.91 20.58
C ALA B 88 -4.78 13.82 21.68
N LEU B 89 -5.37 12.66 21.32
CA LEU B 89 -5.59 11.54 22.28
C LEU B 89 -4.24 11.09 22.82
N ALA B 90 -3.21 11.00 22.03
CA ALA B 90 -1.86 10.66 22.47
C ALA B 90 -1.30 11.65 23.37
N ALA B 91 -1.45 12.90 23.07
CA ALA B 91 -0.91 13.95 23.97
C ALA B 91 -1.62 13.99 25.26
N ASP B 92 -2.83 13.53 25.43
CA ASP B 92 -3.49 13.51 26.74
C ASP B 92 -2.94 12.38 27.55
N ILE B 93 -2.21 11.38 27.02
CA ILE B 93 -1.61 10.26 27.71
C ILE B 93 -0.13 10.41 27.93
N PHE B 94 0.64 10.91 27.01
CA PHE B 94 2.09 10.98 27.11
C PHE B 94 2.56 12.40 26.72
N PRO B 95 2.00 13.48 27.33
CA PRO B 95 2.42 14.82 26.99
C PRO B 95 3.90 15.00 27.06
N ALA B 96 4.59 14.44 28.02
CA ALA B 96 6.02 14.71 28.13
C ALA B 96 6.92 14.03 27.12
N LYS B 97 6.31 13.14 26.31
N LYS B 97 6.29 13.20 26.26
CA LYS B 97 7.03 12.49 25.23
CA LYS B 97 7.04 12.55 25.20
C LYS B 97 6.92 13.22 23.92
C LYS B 97 6.96 13.29 23.91
N ILE B 98 6.21 14.37 23.92
CA ILE B 98 5.99 15.13 22.66
C ILE B 98 6.60 16.53 22.71
N LYS B 99 7.58 16.80 21.86
CA LYS B 99 8.20 18.14 21.82
C LYS B 99 7.24 19.09 21.27
N VAL B 100 6.56 18.72 20.16
CA VAL B 100 5.57 19.59 19.49
C VAL B 100 4.57 18.71 18.67
N LEU B 101 3.32 19.07 18.71
CA LEU B 101 2.34 18.42 17.88
C LEU B 101 2.34 19.24 16.57
N VAL B 102 2.26 18.55 15.42
CA VAL B 102 2.13 19.17 14.18
C VAL B 102 0.85 18.78 13.55
N PHE B 103 -0.16 19.66 13.47
CA PHE B 103 -1.47 19.46 12.89
C PHE B 103 -1.37 19.74 11.45
N LEU B 104 -1.29 18.71 10.59
CA LEU B 104 -1.13 18.85 9.16
C LEU B 104 -2.40 18.61 8.37
N ASN B 105 -2.99 19.73 7.90
CA ASN B 105 -4.31 19.61 7.20
C ASN B 105 -5.28 18.79 8.13
N ALA B 106 -5.30 19.06 9.41
CA ALA B 106 -5.79 18.24 10.41
C ALA B 106 -6.96 18.78 11.16
N PHE B 107 -7.77 17.95 11.77
CA PHE B 107 -8.69 18.36 12.83
C PHE B 107 -7.87 18.72 14.04
N LEU B 108 -8.17 19.91 14.61
CA LEU B 108 -7.52 20.49 15.74
C LEU B 108 -8.60 20.62 16.87
N PRO B 109 -8.68 19.65 17.79
CA PRO B 109 -9.74 19.69 18.83
C PRO B 109 -9.33 20.64 19.94
N ASP B 110 -10.33 20.94 20.77
CA ASP B 110 -10.09 21.85 21.88
C ASP B 110 -10.30 21.14 23.18
N THR B 111 -10.26 21.93 24.27
CA THR B 111 -10.45 21.31 25.57
C THR B 111 -11.78 21.81 26.22
N THR B 112 -12.63 22.52 25.48
CA THR B 112 -13.86 23.12 25.99
C THR B 112 -15.10 22.34 25.53
N HIS B 113 -15.12 21.80 24.30
CA HIS B 113 -16.20 21.11 23.74
C HIS B 113 -15.91 19.63 23.68
N VAL B 114 -16.98 18.89 23.42
CA VAL B 114 -16.80 17.39 23.29
C VAL B 114 -15.71 17.10 22.22
N PRO B 115 -15.06 15.91 22.30
CA PRO B 115 -13.90 15.73 21.39
C PRO B 115 -14.33 15.66 19.95
N SER B 116 -15.63 15.34 19.59
CA SER B 116 -16.12 15.35 18.23
C SER B 116 -16.37 16.76 17.61
N HIS B 117 -16.30 17.83 18.41
CA HIS B 117 -16.82 19.09 18.01
C HIS B 117 -16.37 19.58 16.71
N VAL B 118 -15.05 19.57 16.42
CA VAL B 118 -14.63 20.14 15.13
C VAL B 118 -14.97 19.26 13.98
N LEU B 119 -15.11 17.93 14.18
CA LEU B 119 -15.57 17.04 13.09
C LEU B 119 -17.02 17.32 12.81
N ASP B 120 -17.82 17.46 13.89
CA ASP B 120 -19.28 17.66 13.74
C ASP B 120 -19.48 18.93 12.94
N LYS B 121 -18.65 19.94 13.21
CA LYS B 121 -18.77 21.21 12.57
C LYS B 121 -18.48 21.13 11.14
N LEU B 122 -17.42 20.40 10.78
CA LEU B 122 -17.15 20.18 9.40
C LEU B 122 -18.22 19.33 8.74
N MET B 123 -18.69 18.25 9.35
CA MET B 123 -19.60 17.35 8.65
C MET B 123 -20.84 18.09 8.28
N GLU B 124 -21.17 19.10 9.05
CA GLU B 124 -22.36 19.94 8.77
C GLU B 124 -22.32 20.70 7.49
N MET B 125 -21.16 21.19 7.13
CA MET B 125 -20.96 22.07 5.97
C MET B 125 -19.97 21.46 4.93
N PHE B 126 -19.88 20.12 4.80
CA PHE B 126 -18.76 19.46 4.10
C PHE B 126 -18.77 19.56 2.57
N GLY B 127 -19.94 19.75 2.01
CA GLY B 127 -20.02 19.83 0.62
C GLY B 127 -20.30 18.43 0.20
N GLY B 128 -19.77 18.06 -0.90
CA GLY B 128 -20.27 16.77 -1.38
C GLY B 128 -19.40 15.62 -0.93
N TRP B 129 -19.97 14.47 -0.70
CA TRP B 129 -19.07 13.32 -0.66
C TRP B 129 -18.99 12.55 -1.93
N GLY B 130 -19.66 12.94 -3.01
CA GLY B 130 -19.55 12.25 -4.25
C GLY B 130 -19.99 10.84 -4.24
N ASP B 131 -19.11 9.96 -4.74
CA ASP B 131 -19.34 8.55 -4.87
C ASP B 131 -18.89 7.74 -3.57
N THR B 132 -18.65 8.49 -2.54
CA THR B 132 -18.30 7.83 -1.27
C THR B 132 -19.48 6.98 -0.75
N GLU B 133 -19.23 5.82 -0.22
CA GLU B 133 -20.23 4.84 0.26
CA GLU B 133 -20.32 4.98 0.29
C GLU B 133 -20.28 4.94 1.76
N PHE B 134 -21.40 5.24 2.37
CA PHE B 134 -21.63 5.28 3.83
C PHE B 134 -22.37 4.03 4.27
N SER B 135 -21.92 3.41 5.38
CA SER B 135 -22.65 2.24 5.88
C SER B 135 -22.56 2.35 7.41
N SER B 136 -23.40 1.55 8.04
CA SER B 136 -23.53 1.55 9.54
C SER B 136 -23.12 0.16 10.03
N HIS B 137 -22.52 0.04 11.21
CA HIS B 137 -22.19 -1.26 11.73
C HIS B 137 -22.61 -1.15 13.24
N GLU B 138 -23.44 -2.09 13.64
N GLU B 138 -23.53 -2.01 13.64
CA GLU B 138 -24.01 -2.11 14.99
CA GLU B 138 -23.98 -2.00 15.02
C GLU B 138 -23.13 -2.88 15.94
C GLU B 138 -22.98 -2.74 15.90
N THR B 139 -22.76 -2.22 17.05
CA THR B 139 -21.85 -2.80 18.00
C THR B 139 -22.35 -2.74 19.45
N ARG B 140 -21.63 -3.35 20.36
CA ARG B 140 -21.94 -3.16 21.77
C ARG B 140 -21.71 -1.81 22.29
N ASN B 141 -20.88 -1.04 21.56
CA ASN B 141 -20.63 0.34 21.83
C ASN B 141 -21.62 1.26 21.14
N GLY B 142 -22.61 0.76 20.36
CA GLY B 142 -23.66 1.52 19.67
C GLY B 142 -23.40 1.49 18.13
N THR B 143 -23.96 2.32 17.36
CA THR B 143 -23.79 2.25 15.91
C THR B 143 -22.59 3.07 15.43
N MET B 144 -21.75 2.40 14.62
CA MET B 144 -20.45 2.99 14.15
C MET B 144 -20.82 3.46 12.71
N SER B 145 -20.54 4.71 12.29
CA SER B 145 -20.71 5.15 10.94
C SER B 145 -19.38 4.88 10.18
N LEU B 146 -19.45 4.13 9.17
CA LEU B 146 -18.33 3.74 8.33
C LEU B 146 -18.38 4.48 7.02
N LEU B 147 -17.22 4.77 6.40
CA LEU B 147 -17.21 5.22 5.05
C LEU B 147 -16.14 4.54 4.20
N LYS B 148 -16.39 4.42 2.92
CA LYS B 148 -15.44 3.97 1.92
C LYS B 148 -15.40 5.06 0.85
N MET B 149 -14.29 5.76 0.70
CA MET B 149 -14.21 6.79 -0.34
C MET B 149 -14.42 6.21 -1.69
N GLY B 150 -15.13 7.03 -2.54
CA GLY B 150 -15.21 6.69 -3.88
C GLY B 150 -14.09 7.27 -4.70
N PRO B 151 -13.80 6.74 -5.88
CA PRO B 151 -12.64 7.18 -6.60
C PRO B 151 -12.81 8.52 -7.25
N LYS B 152 -14.04 8.92 -7.55
CA LYS B 152 -14.21 10.28 -8.13
C LYS B 152 -14.05 11.36 -7.08
N PHE B 153 -14.56 11.08 -5.90
CA PHE B 153 -14.37 11.93 -4.72
C PHE B 153 -12.90 12.07 -4.34
N MET B 154 -12.21 10.90 -4.39
CA MET B 154 -10.73 10.95 -4.16
C MET B 154 -10.02 11.88 -5.11
N LYS B 155 -10.29 11.73 -6.39
CA LYS B 155 -9.66 12.48 -7.46
C LYS B 155 -9.95 14.00 -7.38
N ALA B 156 -11.21 14.31 -7.07
CA ALA B 156 -11.60 15.73 -7.09
C ALA B 156 -11.22 16.42 -5.81
N ARG B 157 -11.36 15.76 -4.64
CA ARG B 157 -11.33 16.50 -3.40
C ARG B 157 -10.07 16.24 -2.57
N LEU B 158 -9.33 15.14 -2.79
CA LEU B 158 -8.18 14.80 -1.98
C LEU B 158 -6.84 14.87 -2.78
N TYR B 159 -6.84 14.35 -4.02
CA TYR B 159 -5.69 14.05 -4.79
C TYR B 159 -5.54 14.96 -6.04
N GLN B 160 -6.28 16.08 -6.03
CA GLN B 160 -6.32 16.80 -7.35
C GLN B 160 -4.99 17.45 -7.81
N ASN B 161 -4.03 17.64 -6.92
CA ASN B 161 -2.72 18.08 -7.28
C ASN B 161 -1.63 17.07 -7.23
N CYS B 162 -2.04 15.77 -7.15
CA CYS B 162 -1.09 14.66 -7.02
C CYS B 162 -0.80 14.09 -8.41
N PRO B 163 0.40 13.62 -8.59
CA PRO B 163 0.70 12.80 -9.74
C PRO B 163 -0.28 11.66 -9.89
N ILE B 164 -0.61 11.34 -11.14
CA ILE B 164 -1.50 10.25 -11.46
C ILE B 164 -1.07 8.94 -10.79
N GLU B 165 0.21 8.67 -10.75
CA GLU B 165 0.68 7.43 -10.10
C GLU B 165 0.24 7.41 -8.63
N ASP B 166 0.31 8.54 -7.95
CA ASP B 166 -0.13 8.49 -6.56
C ASP B 166 -1.59 8.26 -6.37
N TYR B 167 -2.45 8.83 -7.26
CA TYR B 167 -3.83 8.52 -7.25
C TYR B 167 -4.11 7.05 -7.52
N GLU B 168 -3.44 6.46 -8.52
CA GLU B 168 -3.56 5.03 -8.76
C GLU B 168 -3.12 4.17 -7.57
N LEU B 169 -2.06 4.59 -6.95
CA LEU B 169 -1.61 3.84 -5.72
C LEU B 169 -2.67 3.88 -4.72
N ALA B 170 -3.22 5.07 -4.47
CA ALA B 170 -4.28 5.27 -3.50
C ALA B 170 -5.53 4.42 -3.76
N LYS B 171 -5.89 4.35 -5.05
CA LYS B 171 -7.03 3.51 -5.47
C LYS B 171 -6.83 2.06 -5.03
N MET B 172 -5.54 1.64 -5.16
N MET B 172 -5.61 1.58 -5.09
CA MET B 172 -5.06 0.26 -4.82
CA MET B 172 -5.40 0.19 -4.72
C MET B 172 -4.98 -0.08 -3.30
C MET B 172 -5.12 -0.10 -3.24
N LEU B 173 -5.04 0.96 -2.46
CA LEU B 173 -4.72 0.82 -1.02
C LEU B 173 -5.75 1.39 -0.03
N HIS B 174 -6.62 2.30 -0.47
CA HIS B 174 -7.51 2.82 0.52
C HIS B 174 -8.52 1.84 0.95
N ARG B 175 -9.02 2.05 2.15
CA ARG B 175 -9.87 1.06 2.86
C ARG B 175 -11.10 1.78 3.48
N GLN B 176 -12.12 1.00 3.69
CA GLN B 176 -13.21 1.46 4.56
C GLN B 176 -12.67 1.82 5.93
N GLY B 177 -13.16 2.94 6.47
CA GLY B 177 -12.74 3.53 7.69
C GLY B 177 -13.86 4.11 8.48
N SER B 178 -13.51 4.98 9.43
CA SER B 178 -14.50 5.71 10.23
C SER B 178 -13.87 6.93 10.85
N PHE B 179 -14.73 7.94 11.04
CA PHE B 179 -14.28 9.07 11.91
C PHE B 179 -14.70 8.91 13.33
N PHE B 180 -15.37 7.85 13.75
CA PHE B 180 -15.64 7.57 15.16
C PHE B 180 -16.41 8.79 15.86
N THR B 181 -17.30 9.40 15.10
CA THR B 181 -17.91 10.64 15.62
C THR B 181 -18.78 10.32 16.80
N GLU B 182 -19.55 9.17 16.72
CA GLU B 182 -20.34 8.76 17.90
C GLU B 182 -19.49 8.56 19.13
N ASP B 183 -18.41 7.78 18.96
CA ASP B 183 -17.58 7.53 20.06
C ASP B 183 -16.91 8.76 20.60
N LEU B 184 -16.42 9.66 19.71
CA LEU B 184 -15.80 10.94 20.15
C LEU B 184 -16.80 11.86 20.93
N SER B 185 -18.06 11.81 20.48
CA SER B 185 -19.14 12.66 21.16
C SER B 185 -19.42 12.21 22.56
N LYS B 186 -19.05 11.01 22.97
CA LYS B 186 -19.25 10.55 24.33
C LYS B 186 -18.07 10.57 25.21
N LYS B 187 -16.88 10.91 24.67
CA LYS B 187 -15.69 10.76 25.39
C LYS B 187 -15.47 11.97 26.22
N GLU B 188 -14.80 11.78 27.35
CA GLU B 188 -14.43 12.91 28.12
C GLU B 188 -13.59 13.88 27.32
N LYS B 189 -13.78 15.17 27.59
CA LYS B 189 -13.12 16.27 26.85
C LYS B 189 -11.62 16.18 26.99
N PHE B 190 -10.89 16.59 25.96
CA PHE B 190 -9.45 16.55 26.09
C PHE B 190 -9.04 17.49 27.26
N SER B 191 -7.97 17.14 27.96
CA SER B 191 -7.56 17.93 29.18
C SER B 191 -6.63 19.06 28.87
N GLU B 192 -6.74 20.20 29.61
CA GLU B 192 -5.74 21.28 29.55
C GLU B 192 -4.42 20.84 30.12
N GLU B 193 -4.40 19.97 31.13
CA GLU B 193 -3.11 19.52 31.74
C GLU B 193 -2.28 18.56 30.88
N GLY B 194 -3.02 17.72 30.11
CA GLY B 194 -2.36 16.87 29.21
C GLY B 194 -2.18 17.52 27.83
N TYR B 195 -3.07 17.20 26.95
CA TYR B 195 -3.10 17.75 25.63
C TYR B 195 -2.83 19.27 25.53
N GLY B 196 -3.54 20.03 26.36
CA GLY B 196 -3.39 21.42 26.27
C GLY B 196 -2.06 22.01 26.66
N SER B 197 -1.20 21.22 27.31
CA SER B 197 0.13 21.63 27.73
C SER B 197 1.21 21.52 26.75
N VAL B 198 0.93 20.73 25.66
CA VAL B 198 1.89 20.42 24.69
C VAL B 198 1.96 21.54 23.60
N GLN B 199 3.16 21.84 23.12
CA GLN B 199 3.32 22.78 22.11
C GLN B 199 2.74 22.31 20.79
N ARG B 200 2.13 23.21 20.05
CA ARG B 200 1.40 22.80 18.80
C ARG B 200 1.53 23.83 17.72
N VAL B 201 1.68 23.40 16.48
CA VAL B 201 1.74 24.19 15.30
C VAL B 201 0.75 23.65 14.31
N TYR B 202 0.40 24.44 13.35
CA TYR B 202 -0.48 24.00 12.23
C TYR B 202 0.21 24.18 10.91
N VAL B 203 0.13 23.18 9.96
CA VAL B 203 0.65 23.27 8.66
C VAL B 203 -0.59 23.02 7.71
N MET B 204 -0.90 23.98 6.86
CA MET B 204 -2.03 23.98 5.98
C MET B 204 -1.58 24.01 4.61
N SER B 205 -2.29 23.32 3.72
CA SER B 205 -2.11 23.39 2.29
C SER B 205 -3.04 24.45 1.74
N SER B 206 -2.66 25.16 0.68
CA SER B 206 -3.54 26.25 0.20
C SER B 206 -4.64 25.81 -0.68
N GLU B 207 -4.60 24.57 -1.17
CA GLU B 207 -5.67 23.99 -2.05
C GLU B 207 -6.24 22.74 -1.49
N ASP B 208 -6.36 22.68 -0.17
CA ASP B 208 -7.06 21.54 0.45
C ASP B 208 -8.53 21.61 0.23
N LYS B 209 -9.11 20.69 -0.56
CA LYS B 209 -10.50 20.80 -0.88
C LYS B 209 -11.39 20.06 0.10
N ILE B 210 -10.89 19.48 1.14
CA ILE B 210 -11.56 18.76 2.23
C ILE B 210 -11.60 19.66 3.50
N ILE B 211 -10.46 20.24 3.85
CA ILE B 211 -10.27 21.06 5.06
C ILE B 211 -9.84 22.46 4.54
N PRO B 212 -10.83 23.25 4.18
CA PRO B 212 -10.66 24.59 3.59
C PRO B 212 -10.11 25.57 4.62
N CYS B 213 -9.52 26.65 4.10
N CYS B 213 -9.50 26.61 4.09
CA CYS B 213 -8.89 27.70 4.93
CA CYS B 213 -8.79 27.51 4.95
C CYS B 213 -9.74 28.29 6.01
C CYS B 213 -9.69 28.30 5.97
N ASP B 214 -10.93 28.69 5.62
CA ASP B 214 -11.85 29.25 6.62
C ASP B 214 -12.18 28.40 7.87
N PHE B 215 -12.32 27.08 7.64
CA PHE B 215 -12.62 26.14 8.68
C PHE B 215 -11.35 26.00 9.58
N ILE B 216 -10.21 26.03 8.95
CA ILE B 216 -8.96 25.96 9.74
C ILE B 216 -8.84 27.16 10.62
N ARG B 217 -9.10 28.37 10.06
CA ARG B 217 -9.04 29.58 10.91
C ARG B 217 -10.00 29.56 12.03
N TRP B 218 -11.19 29.02 11.82
CA TRP B 218 -12.12 28.79 12.89
C TRP B 218 -11.59 27.90 13.98
N MET B 219 -10.94 26.78 13.55
CA MET B 219 -10.41 25.84 14.56
C MET B 219 -9.34 26.50 15.36
N ILE B 220 -8.47 27.18 14.69
CA ILE B 220 -7.38 27.78 15.39
C ILE B 220 -7.92 28.92 16.32
N ASP B 221 -8.98 29.58 15.89
CA ASP B 221 -9.48 30.66 16.72
C ASP B 221 -10.09 30.05 17.99
N ASN B 222 -10.67 28.85 17.91
CA ASN B 222 -11.12 28.17 19.10
C ASN B 222 -10.01 27.59 19.93
N PHE B 223 -8.84 27.36 19.34
CA PHE B 223 -7.77 26.61 20.01
C PHE B 223 -6.48 26.98 19.41
N ASN B 224 -5.83 28.03 19.99
CA ASN B 224 -4.69 28.71 19.33
C ASN B 224 -3.46 27.81 19.19
N VAL B 225 -2.64 28.09 18.17
CA VAL B 225 -1.40 27.43 17.98
C VAL B 225 -0.27 28.38 17.98
N SER B 226 0.94 27.91 18.12
CA SER B 226 2.09 28.80 18.26
C SER B 226 2.56 29.33 16.99
N LYS B 227 2.31 28.68 15.83
CA LYS B 227 2.64 29.18 14.52
C LYS B 227 1.88 28.42 13.47
N VAL B 228 1.69 29.06 12.30
CA VAL B 228 0.99 28.51 11.17
C VAL B 228 1.91 28.53 10.05
N TYR B 229 2.07 27.40 9.31
CA TYR B 229 2.80 27.33 8.08
C TYR B 229 1.92 26.93 6.98
N GLU B 230 2.13 27.46 5.81
CA GLU B 230 1.28 27.23 4.67
C GLU B 230 2.10 26.63 3.56
N ILE B 231 1.55 25.64 2.89
CA ILE B 231 2.18 25.01 1.75
C ILE B 231 1.46 25.40 0.50
N ASP B 232 2.04 26.32 -0.33
CA ASP B 232 1.38 26.78 -1.46
C ASP B 232 1.27 25.70 -2.55
N GLY B 233 0.05 25.50 -2.97
CA GLY B 233 -0.25 24.57 -3.96
C GLY B 233 -0.53 23.12 -3.47
N GLY B 234 -0.43 22.90 -2.21
CA GLY B 234 -0.69 21.57 -1.70
C GLY B 234 -2.18 21.27 -1.86
N ASP B 235 -2.53 20.02 -2.21
CA ASP B 235 -3.87 19.49 -2.01
C ASP B 235 -3.98 18.89 -0.61
N HIS B 236 -5.06 18.21 -0.30
CA HIS B 236 -5.18 17.59 1.05
C HIS B 236 -4.03 16.60 1.23
N MET B 237 -3.76 15.76 0.23
CA MET B 237 -2.68 14.74 0.30
C MET B 237 -1.30 15.39 0.03
N VAL B 238 -0.94 16.36 0.90
CA VAL B 238 0.22 17.18 0.64
C VAL B 238 1.55 16.47 0.69
N MET B 239 1.60 15.35 1.45
CA MET B 239 2.72 14.47 1.47
C MET B 239 2.97 13.70 0.14
N LEU B 240 1.95 13.70 -0.70
CA LEU B 240 1.98 13.11 -2.03
C LEU B 240 2.09 14.21 -3.12
N SER B 241 1.44 15.33 -2.95
CA SER B 241 1.47 16.38 -4.01
C SER B 241 2.70 17.25 -3.88
N LYS B 242 3.13 17.58 -2.65
CA LYS B 242 4.24 18.52 -2.40
C LYS B 242 5.18 17.99 -1.31
N PRO B 243 5.72 16.76 -1.46
CA PRO B 243 6.52 16.21 -0.35
C PRO B 243 7.74 17.13 0.03
N GLN B 244 8.39 17.69 -0.98
CA GLN B 244 9.52 18.55 -0.64
C GLN B 244 9.14 19.76 0.11
N LYS B 245 8.08 20.42 -0.24
CA LYS B 245 7.65 21.62 0.44
C LYS B 245 7.22 21.22 1.83
N LEU B 246 6.60 20.00 2.05
CA LEU B 246 6.30 19.49 3.37
C LEU B 246 7.51 19.22 4.20
N PHE B 247 8.51 18.58 3.59
CA PHE B 247 9.81 18.51 4.23
C PHE B 247 10.31 19.86 4.70
N ASP B 248 10.26 20.83 3.85
CA ASP B 248 10.78 22.19 4.23
C ASP B 248 10.05 22.73 5.44
N SER B 249 8.73 22.56 5.49
CA SER B 249 7.93 23.01 6.63
C SER B 249 8.33 22.31 7.88
N LEU B 250 8.51 20.98 7.79
CA LEU B 250 8.91 20.14 8.95
C LEU B 250 10.28 20.47 9.39
N SER B 251 11.15 20.78 8.45
N SER B 251 11.15 20.80 8.45
CA SER B 251 12.50 21.17 8.83
CA SER B 251 12.53 21.18 8.79
C SER B 251 12.48 22.45 9.59
C SER B 251 12.58 22.53 9.42
N ALA B 252 11.63 23.39 9.16
CA ALA B 252 11.59 24.74 9.80
C ALA B 252 11.08 24.54 11.16
N ILE B 253 10.04 23.67 11.37
CA ILE B 253 9.61 23.33 12.75
C ILE B 253 10.69 22.70 13.55
N ALA B 254 11.42 21.76 13.01
CA ALA B 254 12.46 21.10 13.80
C ALA B 254 13.53 22.14 14.25
N THR B 255 13.86 23.07 13.41
CA THR B 255 14.89 24.14 13.80
C THR B 255 14.25 24.92 14.92
N ASP B 256 13.01 25.31 14.86
CA ASP B 256 12.38 25.85 16.19
C ASP B 256 12.26 25.06 17.49
N TYR B 257 12.46 23.76 17.49
CA TYR B 257 12.35 22.94 18.71
C TYR B 257 13.63 22.19 18.91
N MET B 258 14.76 22.71 18.41
CA MET B 258 16.13 22.43 18.97
C MET B 258 15.99 22.79 20.45
N GLY B 259 16.59 22.04 21.40
CA GLY B 259 16.53 22.43 22.85
C GLY B 259 16.33 21.30 23.88
C1 GOL C . -2.58 -27.83 1.08
O1 GOL C . -2.62 -28.88 -0.02
C2 GOL C . -1.25 -27.93 1.81
O2 GOL C . -1.25 -29.21 2.50
C3 GOL C . -0.94 -26.73 2.75
O3 GOL C . -0.52 -25.58 1.96
C1 GOL D . 22.28 -8.44 2.97
O1 GOL D . 22.27 -7.03 2.70
C2 GOL D . 21.13 -9.09 2.19
O2 GOL D . 20.19 -9.57 3.14
C3 GOL D . 21.61 -10.24 1.29
O3 GOL D . 20.46 -10.93 0.77
CL CL E . 7.29 -14.16 -5.85
CL CL F . -9.23 11.81 7.69
#